data_1UML
#
_entry.id   1UML
#
_cell.length_a   78.320
_cell.length_b   78.320
_cell.length_c   138.320
_cell.angle_alpha   90.00
_cell.angle_beta   90.00
_cell.angle_gamma   90.00
#
_symmetry.space_group_name_H-M   'P 43 21 2'
#
loop_
_entity.id
_entity.type
_entity.pdbx_description
1 polymer 'Adenosine deaminase'
2 non-polymer 'ZINC ION'
3 non-polymer 1-((1R)-1-(HYDROXYMETHYL)-3-{6-[(3-PHENYLPROPANOYL)AMINO]-1H-INDOL-1-YL}PROPYL)-1H-IMIDAZOLE-4-CARBOXAMIDE
4 water water
#
_entity_poly.entity_id   1
_entity_poly.type   'polypeptide(L)'
_entity_poly.pdbx_seq_one_letter_code
;AQTPAFDKPKVELHVHLDGAIKPETILYYGKRRGIALPADTPEELQNIIGMDKPLTLPDFLAKFDYYMPAIAGCRDAIKR
IAYEFVEMKAKDGVVYVEVRYSPHLLANSKVEPIPWNQAEGDLTPDEVVSLVNQGLQEGERDFGVKVRSILCCMRHQPSW
SSEVVELCKKYREQTVVAIDLAGDETIEGSSLFPGHVQAYAEAVKSGVHRTVHAGEVGSANVVKEAVDTLKTERLGHGYH
TLEDTTLYNRLRQENMHFEICPWSSYLTGAWKPDTEHAVIRFKNDQVNYSLNTDDPLIFKSTLDTDYQMTKKDMGFTEEE
FKRLNINAAKSSFLPEDEKKELLDLLYKAYRMPSPA
;
_entity_poly.pdbx_strand_id   A
#
loop_
_chem_comp.id
_chem_comp.type
_chem_comp.name
_chem_comp.formula
FR4 non-polymer 1-((1R)-1-(HYDROXYMETHYL)-3-{6-[(3-PHENYLPROPANOYL)AMINO]-1H-INDOL-1-YL}PROPYL)-1H-IMIDAZOLE-4-CARBOXAMIDE 'C25 H27 N5 O3'
ZN non-polymer 'ZINC ION' 'Zn 2'
#
# COMPACT_ATOMS: atom_id res chain seq x y z
N THR A 3 -14.62 -3.69 -21.58
CA THR A 3 -13.84 -2.55 -21.08
C THR A 3 -12.47 -2.90 -20.47
N PRO A 4 -12.45 -3.84 -19.45
CA PRO A 4 -11.22 -4.06 -18.66
C PRO A 4 -10.04 -4.55 -19.44
N ALA A 5 -8.90 -3.86 -19.23
CA ALA A 5 -7.69 -4.22 -19.96
C ALA A 5 -7.23 -5.66 -19.82
N PHE A 6 -7.49 -6.23 -18.63
CA PHE A 6 -7.02 -7.58 -18.34
C PHE A 6 -8.05 -8.34 -17.57
N ASP A 7 -8.68 -9.25 -18.30
CA ASP A 7 -9.88 -9.90 -17.77
C ASP A 7 -9.74 -11.23 -17.07
N LYS A 8 -8.62 -11.31 -16.35
CA LYS A 8 -8.32 -12.54 -15.64
C LYS A 8 -8.14 -12.15 -14.19
N PRO A 9 -8.13 -13.12 -13.25
CA PRO A 9 -7.78 -12.73 -11.87
C PRO A 9 -6.39 -12.15 -11.72
N LYS A 10 -6.29 -11.33 -10.68
CA LYS A 10 -5.11 -10.48 -10.46
C LYS A 10 -4.64 -10.56 -9.01
N VAL A 11 -3.29 -10.36 -8.88
CA VAL A 11 -2.68 -10.11 -7.56
C VAL A 11 -2.31 -8.64 -7.32
N GLU A 12 -2.55 -8.21 -6.09
CA GLU A 12 -2.11 -6.86 -5.73
C GLU A 12 -1.44 -6.80 -4.38
N LEU A 13 -0.25 -6.13 -4.38
CA LEU A 13 0.59 -6.14 -3.18
C LEU A 13 0.73 -4.80 -2.52
N HIS A 14 0.22 -3.78 -3.21
CA HIS A 14 0.55 -2.43 -2.78
C HIS A 14 -0.65 -1.47 -2.85
N VAL A 15 -1.35 -1.49 -1.69
CA VAL A 15 -2.49 -0.58 -1.55
C VAL A 15 -2.74 -0.22 -0.10
N HIS A 16 -3.01 1.10 0.05
CA HIS A 16 -3.22 1.66 1.38
C HIS A 16 -4.68 1.68 1.75
N LEU A 17 -4.95 1.10 2.92
CA LEU A 17 -6.32 1.07 3.42
C LEU A 17 -6.91 2.45 3.67
N ASP A 18 -6.11 3.30 4.33
CA ASP A 18 -6.53 4.69 4.54
C ASP A 18 -6.61 5.54 3.29
N GLY A 19 -6.20 4.92 2.17
CA GLY A 19 -6.45 5.60 0.90
C GLY A 19 -7.41 4.83 0.01
N ALA A 20 -8.28 4.05 0.69
CA ALA A 20 -9.22 3.23 -0.08
C ALA A 20 -10.47 2.99 0.73
N ILE A 21 -11.10 4.15 0.97
CA ILE A 21 -12.36 4.30 1.70
C ILE A 21 -13.35 4.83 0.69
N LYS A 22 -14.62 4.36 0.81
CA LYS A 22 -15.58 4.94 -0.13
C LYS A 22 -16.09 6.28 0.36
N PRO A 23 -16.09 7.27 -0.56
CA PRO A 23 -16.57 8.63 -0.23
C PRO A 23 -17.80 8.66 0.65
N GLU A 24 -18.76 7.86 0.17
CA GLU A 24 -20.07 7.68 0.80
C GLU A 24 -20.03 7.34 2.29
N THR A 25 -19.05 6.49 2.62
CA THR A 25 -18.93 6.18 4.05
C THR A 25 -18.14 7.15 4.88
N ILE A 26 -17.40 8.03 4.20
CA ILE A 26 -16.84 9.12 5.00
C ILE A 26 -17.92 10.11 5.43
N LEU A 27 -18.76 10.53 4.43
CA LEU A 27 -19.94 11.33 4.74
C LEU A 27 -20.81 10.75 5.82
N TYR A 28 -21.06 9.43 5.67
CA TYR A 28 -21.88 8.73 6.66
C TYR A 28 -21.39 8.95 8.09
N TYR A 29 -20.04 8.84 8.24
CA TYR A 29 -19.42 9.04 9.55
C TYR A 29 -19.08 10.47 9.89
N GLY A 30 -19.15 11.31 8.84
CA GLY A 30 -18.98 12.75 9.04
C GLY A 30 -20.14 13.33 9.82
N LYS A 31 -21.32 13.23 9.16
CA LYS A 31 -22.61 13.42 9.82
C LYS A 31 -22.70 12.80 11.20
N ARG A 32 -22.68 11.45 11.19
CA ARG A 32 -23.01 10.71 12.40
C ARG A 32 -22.06 10.88 13.60
N ARG A 33 -20.94 11.59 13.35
CA ARG A 33 -20.04 11.87 14.48
C ARG A 33 -19.88 13.35 14.81
N GLY A 34 -20.17 14.19 13.79
CA GLY A 34 -20.10 15.64 14.02
C GLY A 34 -19.17 16.41 13.09
N ILE A 35 -18.15 15.66 12.59
CA ILE A 35 -17.00 16.25 11.90
C ILE A 35 -17.32 17.23 10.78
N ALA A 36 -18.26 16.79 9.93
CA ALA A 36 -18.67 17.55 8.76
C ALA A 36 -17.55 18.03 7.85
N LEU A 37 -17.61 17.39 6.68
CA LEU A 37 -16.64 17.49 5.59
C LEU A 37 -16.86 18.80 4.84
N PRO A 38 -15.99 19.12 3.83
CA PRO A 38 -16.30 20.23 2.92
C PRO A 38 -17.33 19.89 1.86
N ALA A 39 -18.18 18.91 2.21
CA ALA A 39 -19.29 18.50 1.36
C ALA A 39 -20.22 17.57 2.10
N ASP A 40 -21.32 17.27 1.38
CA ASP A 40 -22.31 16.35 1.92
C ASP A 40 -22.99 15.52 0.85
N THR A 41 -22.29 15.50 -0.30
CA THR A 41 -22.66 14.55 -1.34
C THR A 41 -21.44 13.76 -1.77
N PRO A 42 -21.64 12.45 -2.06
CA PRO A 42 -20.52 11.56 -2.39
C PRO A 42 -19.62 12.04 -3.53
N GLU A 43 -20.31 12.61 -4.52
CA GLU A 43 -19.67 12.97 -5.78
C GLU A 43 -18.75 14.17 -5.68
N GLU A 44 -19.27 15.17 -4.94
CA GLU A 44 -18.42 16.35 -4.73
C GLU A 44 -17.30 16.08 -3.77
N LEU A 45 -17.64 15.24 -2.78
CA LEU A 45 -16.59 14.72 -1.90
C LEU A 45 -15.41 14.09 -2.62
N GLN A 46 -15.72 13.20 -3.58
CA GLN A 46 -14.57 12.70 -4.33
C GLN A 46 -13.83 13.73 -5.19
N ASN A 47 -14.58 14.79 -5.57
CA ASN A 47 -13.95 15.80 -6.42
C ASN A 47 -12.91 16.65 -5.72
N ILE A 48 -13.21 17.02 -4.46
CA ILE A 48 -12.16 17.73 -3.75
C ILE A 48 -11.19 16.84 -2.98
N ILE A 49 -11.69 15.67 -2.53
CA ILE A 49 -10.72 14.81 -1.84
C ILE A 49 -10.02 13.81 -2.74
N GLY A 50 -9.94 14.23 -4.01
CA GLY A 50 -9.41 13.32 -5.01
C GLY A 50 -8.81 14.11 -6.12
N MET A 51 -7.56 13.72 -6.40
CA MET A 51 -6.77 14.51 -7.32
C MET A 51 -6.80 13.97 -8.73
N ASP A 52 -6.49 14.91 -9.64
CA ASP A 52 -6.52 14.52 -11.03
C ASP A 52 -5.41 15.09 -11.89
N LYS A 53 -4.61 15.93 -11.22
CA LYS A 53 -3.33 16.36 -11.77
C LYS A 53 -2.35 16.45 -10.62
N PRO A 54 -1.02 16.33 -10.91
CA PRO A 54 -0.04 16.32 -9.81
C PRO A 54 -0.16 17.47 -8.83
N LEU A 55 0.27 17.18 -7.59
CA LEU A 55 0.26 18.17 -6.50
C LEU A 55 1.50 18.02 -5.64
N THR A 56 1.77 19.11 -4.88
CA THR A 56 2.80 19.05 -3.82
C THR A 56 2.38 18.19 -2.66
N LEU A 57 3.38 17.92 -1.78
CA LEU A 57 3.11 17.12 -0.59
C LEU A 57 2.13 17.69 0.45
N PRO A 58 2.24 19.01 0.81
CA PRO A 58 1.22 19.57 1.72
C PRO A 58 -0.21 19.53 1.22
N ASP A 59 -0.35 19.86 -0.09
CA ASP A 59 -1.57 19.68 -0.88
C ASP A 59 -2.13 18.28 -0.72
N PHE A 60 -1.21 17.29 -0.94
CA PHE A 60 -1.49 15.87 -0.74
C PHE A 60 -1.99 15.48 0.67
N LEU A 61 -1.22 15.93 1.69
CA LEU A 61 -1.53 15.54 3.07
C LEU A 61 -2.84 16.07 3.64
N ALA A 62 -3.19 17.28 3.15
CA ALA A 62 -4.48 17.86 3.51
C ALA A 62 -5.65 17.07 2.98
N LYS A 63 -5.39 16.32 1.88
CA LYS A 63 -6.44 15.37 1.54
C LYS A 63 -6.85 14.44 2.69
N PHE A 64 -5.84 13.93 3.41
CA PHE A 64 -6.10 13.10 4.60
C PHE A 64 -6.76 13.86 5.74
N ASP A 65 -6.27 15.11 5.91
CA ASP A 65 -6.85 16.03 6.90
C ASP A 65 -8.34 16.29 6.75
N TYR A 66 -8.81 16.16 5.50
CA TYR A 66 -10.27 16.15 5.27
C TYR A 66 -11.01 15.01 5.95
N TYR A 67 -10.64 13.77 5.55
CA TYR A 67 -11.48 12.63 5.91
C TYR A 67 -11.09 11.79 7.10
N MET A 68 -9.78 11.76 7.38
CA MET A 68 -9.33 10.91 8.49
C MET A 68 -9.97 11.12 9.84
N PRO A 69 -10.28 12.40 10.26
CA PRO A 69 -11.00 12.54 11.53
C PRO A 69 -12.38 11.87 11.61
N ALA A 70 -12.94 11.59 10.41
CA ALA A 70 -14.23 10.88 10.34
C ALA A 70 -14.25 9.37 10.58
N ILE A 71 -13.06 8.73 10.44
CA ILE A 71 -12.89 7.27 10.59
C ILE A 71 -12.03 6.91 11.80
N ALA A 72 -10.88 7.62 11.91
CA ALA A 72 -10.01 7.39 13.06
C ALA A 72 -10.74 7.49 14.39
N GLY A 73 -10.50 6.51 15.27
CA GLY A 73 -11.16 6.69 16.57
C GLY A 73 -12.43 5.90 16.74
N CYS A 74 -13.32 6.04 15.75
CA CYS A 74 -14.51 5.16 15.70
C CYS A 74 -14.25 3.68 15.36
N ARG A 75 -14.62 2.81 16.32
CA ARG A 75 -14.41 1.37 16.13
C ARG A 75 -15.12 0.76 14.96
N ASP A 76 -16.44 1.04 14.89
CA ASP A 76 -17.19 0.44 13.78
C ASP A 76 -16.89 1.01 12.40
N ALA A 77 -16.30 2.21 12.43
CA ALA A 77 -15.75 2.73 11.19
C ALA A 77 -14.54 1.94 10.66
N ILE A 78 -13.67 1.67 11.64
CA ILE A 78 -12.45 0.91 11.33
C ILE A 78 -12.68 -0.51 10.84
N LYS A 79 -13.76 -1.12 11.37
CA LYS A 79 -14.03 -2.46 10.90
C LYS A 79 -14.69 -2.47 9.54
N ARG A 80 -15.56 -1.46 9.35
CA ARG A 80 -16.31 -1.34 8.09
C ARG A 80 -15.45 -1.00 6.89
N ILE A 81 -14.47 -0.10 7.13
CA ILE A 81 -13.56 0.17 6.00
C ILE A 81 -12.69 -1.00 5.62
N ALA A 82 -12.37 -1.83 6.62
CA ALA A 82 -11.63 -3.04 6.26
C ALA A 82 -12.46 -4.04 5.45
N TYR A 83 -13.72 -4.18 5.92
CA TYR A 83 -14.75 -4.94 5.20
C TYR A 83 -15.00 -4.50 3.76
N GLU A 84 -15.28 -3.19 3.64
CA GLU A 84 -15.55 -2.66 2.30
C GLU A 84 -14.37 -2.58 1.36
N PHE A 85 -13.18 -2.70 1.97
CA PHE A 85 -11.99 -2.77 1.11
C PHE A 85 -11.93 -4.07 0.31
N VAL A 86 -12.34 -5.19 0.95
CA VAL A 86 -12.45 -6.46 0.23
C VAL A 86 -13.51 -6.50 -0.87
N GLU A 87 -14.61 -5.79 -0.56
CA GLU A 87 -15.68 -5.66 -1.56
C GLU A 87 -15.21 -4.94 -2.80
N MET A 88 -14.54 -3.81 -2.51
CA MET A 88 -13.98 -3.01 -3.60
C MET A 88 -13.02 -3.78 -4.47
N LYS A 89 -12.22 -4.63 -3.78
CA LYS A 89 -11.25 -5.46 -4.48
C LYS A 89 -11.79 -6.63 -5.28
N ALA A 90 -12.90 -7.19 -4.78
CA ALA A 90 -13.61 -8.22 -5.54
C ALA A 90 -14.15 -7.72 -6.87
N LYS A 91 -14.57 -6.43 -6.85
CA LYS A 91 -14.96 -5.77 -8.10
C LYS A 91 -13.81 -5.59 -9.09
N ASP A 92 -12.60 -5.49 -8.51
CA ASP A 92 -11.42 -5.41 -9.38
C ASP A 92 -10.95 -6.72 -9.97
N GLY A 93 -11.52 -7.82 -9.45
CA GLY A 93 -11.11 -9.14 -9.95
C GLY A 93 -9.84 -9.67 -9.34
N VAL A 94 -9.63 -9.24 -8.10
CA VAL A 94 -8.40 -9.59 -7.41
C VAL A 94 -8.69 -10.81 -6.58
N VAL A 95 -7.80 -11.81 -6.74
CA VAL A 95 -7.99 -13.01 -5.94
C VAL A 95 -7.16 -13.04 -4.70
N TYR A 96 -6.12 -12.19 -4.75
CA TYR A 96 -5.20 -12.04 -3.61
C TYR A 96 -4.67 -10.63 -3.47
N VAL A 97 -4.84 -10.13 -2.25
CA VAL A 97 -4.36 -8.80 -1.96
C VAL A 97 -3.67 -8.69 -0.61
N GLU A 98 -2.57 -7.90 -0.63
CA GLU A 98 -2.01 -7.37 0.60
C GLU A 98 -2.37 -5.91 0.70
N VAL A 99 -2.79 -5.56 1.91
CA VAL A 99 -3.22 -4.21 2.16
C VAL A 99 -2.41 -3.64 3.32
N ARG A 100 -2.05 -2.35 3.18
CA ARG A 100 -1.20 -1.76 4.21
C ARG A 100 -1.80 -0.52 4.86
N TYR A 101 -1.39 -0.37 6.11
CA TYR A 101 -1.81 0.85 6.80
C TYR A 101 -0.96 1.06 8.03
N SER A 102 -1.07 2.31 8.51
CA SER A 102 -0.54 2.61 9.84
C SER A 102 -1.62 2.59 10.92
N PRO A 103 -1.48 1.62 11.84
CA PRO A 103 -2.43 1.53 12.97
C PRO A 103 -2.52 2.79 13.84
N HIS A 104 -1.34 3.42 14.02
CA HIS A 104 -1.28 4.59 14.89
C HIS A 104 -2.11 5.74 14.41
N LEU A 105 -2.17 5.85 13.07
CA LEU A 105 -2.94 6.88 12.37
C LEU A 105 -4.44 6.71 12.36
N LEU A 106 -4.87 5.53 12.83
CA LEU A 106 -6.30 5.28 12.97
C LEU A 106 -6.71 5.32 14.42
N ALA A 107 -5.75 5.76 15.26
CA ALA A 107 -5.99 5.59 16.68
C ALA A 107 -6.10 6.92 17.36
N ASN A 108 -6.84 6.88 18.49
CA ASN A 108 -6.97 8.15 19.22
C ASN A 108 -6.55 8.11 20.67
N SER A 109 -5.77 7.06 21.00
CA SER A 109 -5.21 6.92 22.35
C SER A 109 -4.06 5.94 22.35
N LYS A 110 -3.09 6.20 23.26
CA LYS A 110 -1.81 5.47 23.30
C LYS A 110 -0.84 5.80 22.16
N VAL A 111 -1.00 7.06 21.69
CA VAL A 111 -0.25 7.54 20.55
C VAL A 111 0.06 9.03 20.66
N GLU A 112 1.38 9.30 20.72
CA GLU A 112 1.83 10.69 20.75
C GLU A 112 2.65 11.03 19.52
N PRO A 113 2.20 12.10 18.79
CA PRO A 113 0.98 12.88 19.08
C PRO A 113 -0.29 12.15 18.67
N ILE A 114 -1.42 12.70 19.16
CA ILE A 114 -2.66 12.24 18.55
C ILE A 114 -2.86 12.83 17.18
N PRO A 115 -2.98 11.92 16.18
CA PRO A 115 -3.03 12.42 14.80
C PRO A 115 -4.35 13.12 14.55
N TRP A 116 -4.38 13.85 13.42
CA TRP A 116 -5.64 14.46 12.96
C TRP A 116 -6.27 15.49 13.89
N ASN A 117 -5.40 16.06 14.78
CA ASN A 117 -5.79 16.97 15.86
C ASN A 117 -6.55 16.32 17.01
N GLN A 118 -7.82 15.95 16.73
CA GLN A 118 -8.52 14.85 17.42
C GLN A 118 -8.43 14.77 18.93
N ALA A 119 -9.61 14.89 19.58
CA ALA A 119 -9.68 14.67 21.03
C ALA A 119 -9.20 13.28 21.46
N GLU A 120 -8.99 13.08 22.78
CA GLU A 120 -8.41 11.81 23.17
C GLU A 120 -9.27 10.57 22.92
N GLY A 121 -9.73 9.91 23.99
CA GLY A 121 -10.56 8.74 23.67
C GLY A 121 -9.93 7.42 24.07
N ASP A 122 -10.46 6.37 23.42
CA ASP A 122 -10.01 5.09 23.97
C ASP A 122 -9.61 4.02 22.95
N LEU A 123 -9.50 4.46 21.69
CA LEU A 123 -9.03 3.53 20.65
C LEU A 123 -7.53 3.52 20.48
N THR A 124 -6.95 2.41 20.96
CA THR A 124 -5.49 2.26 20.84
C THR A 124 -5.07 1.53 19.58
N PRO A 125 -3.81 1.77 19.13
CA PRO A 125 -3.26 1.02 17.97
C PRO A 125 -3.50 -0.47 17.95
N ASP A 126 -3.35 -1.09 19.13
CA ASP A 126 -3.52 -2.54 19.25
C ASP A 126 -4.90 -3.08 18.86
N GLU A 127 -5.94 -2.34 19.30
CA GLU A 127 -7.18 -2.89 18.80
C GLU A 127 -7.67 -2.35 17.47
N VAL A 128 -7.01 -1.27 16.99
CA VAL A 128 -7.18 -0.94 15.57
C VAL A 128 -6.82 -2.10 14.68
N VAL A 129 -5.64 -2.71 14.99
CA VAL A 129 -5.30 -3.84 14.13
C VAL A 129 -6.19 -5.05 14.27
N SER A 130 -6.73 -5.28 15.50
CA SER A 130 -7.74 -6.34 15.59
C SER A 130 -9.06 -6.06 14.90
N LEU A 131 -9.43 -4.76 14.93
CA LEU A 131 -10.66 -4.41 14.25
C LEU A 131 -10.54 -4.48 12.74
N VAL A 132 -9.41 -3.94 12.23
CA VAL A 132 -9.13 -4.11 10.80
C VAL A 132 -9.11 -5.56 10.43
N ASN A 133 -8.51 -6.35 11.33
CA ASN A 133 -8.35 -7.67 10.75
C ASN A 133 -9.55 -8.62 10.90
N GLN A 134 -10.53 -8.15 11.70
CA GLN A 134 -11.90 -8.66 11.68
C GLN A 134 -12.69 -8.31 10.44
N GLY A 135 -12.60 -6.99 10.10
CA GLY A 135 -13.31 -6.53 8.90
C GLY A 135 -12.88 -7.24 7.63
N LEU A 136 -11.56 -7.49 7.62
CA LEU A 136 -10.85 -8.09 6.51
C LEU A 136 -11.18 -9.58 6.34
N GLN A 137 -11.30 -10.26 7.51
CA GLN A 137 -11.62 -11.68 7.52
C GLN A 137 -13.05 -12.03 7.12
N GLU A 138 -13.95 -11.15 7.56
CA GLU A 138 -15.30 -11.17 7.04
C GLU A 138 -15.47 -10.89 5.57
N GLY A 139 -14.67 -9.91 5.10
CA GLY A 139 -14.70 -9.61 3.68
C GLY A 139 -14.24 -10.78 2.84
N GLU A 140 -13.17 -11.41 3.37
CA GLU A 140 -12.65 -12.60 2.71
C GLU A 140 -13.69 -13.69 2.54
N ARG A 141 -14.46 -13.86 3.62
CA ARG A 141 -15.48 -14.90 3.64
C ARG A 141 -16.69 -14.62 2.77
N ASP A 142 -17.04 -13.33 2.68
CA ASP A 142 -18.23 -12.95 1.91
C ASP A 142 -17.97 -12.68 0.43
N PHE A 143 -16.71 -12.27 0.15
CA PHE A 143 -16.45 -11.86 -1.22
C PHE A 143 -15.48 -12.72 -1.99
N GLY A 144 -14.91 -13.68 -1.25
CA GLY A 144 -14.01 -14.64 -1.89
C GLY A 144 -12.73 -14.11 -2.50
N VAL A 145 -12.25 -12.99 -1.88
CA VAL A 145 -10.89 -12.52 -2.09
C VAL A 145 -10.02 -12.86 -0.90
N LYS A 146 -8.84 -13.41 -1.18
CA LYS A 146 -7.90 -13.64 -0.06
C LYS A 146 -7.06 -12.39 0.28
N VAL A 147 -7.12 -12.01 1.57
CA VAL A 147 -6.49 -10.78 2.06
C VAL A 147 -5.47 -11.03 3.16
N ARG A 148 -4.29 -10.40 3.01
CA ARG A 148 -3.42 -10.25 4.15
C ARG A 148 -3.08 -8.80 4.34
N SER A 149 -2.46 -8.50 5.50
CA SER A 149 -2.11 -7.11 5.76
C SER A 149 -0.66 -6.86 6.16
N ILE A 150 -0.26 -5.63 5.84
CA ILE A 150 1.07 -5.09 6.15
C ILE A 150 0.87 -3.94 7.11
N LEU A 151 1.75 -3.83 8.12
CA LEU A 151 1.63 -2.65 9.00
C LEU A 151 2.78 -1.68 8.79
N CYS A 152 2.40 -0.44 8.43
CA CYS A 152 3.37 0.62 8.14
C CYS A 152 3.97 1.26 9.37
N CYS A 153 5.32 1.34 9.35
CA CYS A 153 6.02 2.38 10.12
C CYS A 153 6.00 3.71 9.39
N MET A 154 6.12 4.78 10.18
CA MET A 154 6.16 6.13 9.61
C MET A 154 7.54 6.78 9.72
N ARG A 155 8.03 7.34 8.59
CA ARG A 155 9.40 7.92 8.54
C ARG A 155 9.76 8.89 9.63
N HIS A 156 8.80 9.82 9.87
CA HIS A 156 8.99 10.94 10.78
C HIS A 156 8.88 10.59 12.25
N GLN A 157 8.48 9.32 12.46
CA GLN A 157 8.14 8.99 13.82
C GLN A 157 8.71 7.64 14.22
N PRO A 158 10.07 7.58 14.30
CA PRO A 158 10.73 6.31 14.65
C PRO A 158 10.33 5.69 15.98
N SER A 159 9.66 6.47 16.83
CA SER A 159 9.20 5.90 18.09
C SER A 159 8.00 4.97 17.99
N TRP A 160 7.26 5.09 16.88
CA TRP A 160 6.17 4.11 16.74
C TRP A 160 6.56 2.70 16.37
N SER A 161 7.84 2.57 15.97
CA SER A 161 8.27 1.44 15.14
C SER A 161 8.47 0.13 15.86
N SER A 162 8.84 0.25 17.15
CA SER A 162 8.89 -0.95 17.98
C SER A 162 7.53 -1.50 18.34
N GLU A 163 6.56 -0.55 18.40
CA GLU A 163 5.18 -1.01 18.50
C GLU A 163 4.67 -1.75 17.29
N VAL A 164 5.08 -1.25 16.09
CA VAL A 164 4.68 -1.92 14.85
C VAL A 164 5.22 -3.32 14.70
N VAL A 165 6.55 -3.51 14.92
CA VAL A 165 7.02 -4.91 14.92
C VAL A 165 6.39 -5.82 15.93
N GLU A 166 6.12 -5.24 17.11
CA GLU A 166 5.43 -6.07 18.10
C GLU A 166 4.01 -6.43 17.74
N LEU A 167 3.33 -5.48 17.09
CA LEU A 167 1.99 -5.78 16.56
C LEU A 167 1.99 -6.84 15.46
N CYS A 168 3.05 -6.79 14.61
CA CYS A 168 3.21 -7.80 13.57
C CYS A 168 3.36 -9.22 14.09
N LYS A 169 4.16 -9.33 15.17
CA LYS A 169 4.32 -10.62 15.87
C LYS A 169 3.07 -11.15 16.55
N LYS A 170 2.38 -10.23 17.26
CA LYS A 170 1.17 -10.59 17.96
C LYS A 170 0.04 -11.12 17.06
N TYR A 171 -0.01 -10.51 15.86
CA TYR A 171 -1.08 -10.83 14.92
C TYR A 171 -0.67 -11.58 13.68
N ARG A 172 0.42 -12.35 13.81
CA ARG A 172 0.98 -12.99 12.61
C ARG A 172 0.15 -14.12 12.05
N GLU A 173 0.22 -14.22 10.71
CA GLU A 173 -0.66 -15.05 9.87
C GLU A 173 -2.05 -14.49 9.61
N GLN A 174 -2.53 -13.74 10.62
CA GLN A 174 -3.98 -13.61 10.74
C GLN A 174 -4.45 -12.26 11.23
N THR A 175 -4.16 -11.22 10.45
CA THR A 175 -3.90 -11.32 9.02
C THR A 175 -2.53 -10.81 8.60
N VAL A 176 -1.71 -10.44 9.61
CA VAL A 176 -0.59 -9.62 9.21
C VAL A 176 0.71 -10.37 8.92
N VAL A 177 1.24 -10.07 7.73
CA VAL A 177 2.36 -10.82 7.17
C VAL A 177 3.68 -10.07 7.09
N ALA A 178 3.59 -8.74 7.30
CA ALA A 178 4.76 -7.91 7.06
C ALA A 178 4.77 -6.53 7.70
N ILE A 179 6.01 -6.00 7.67
CA ILE A 179 6.30 -4.62 8.05
C ILE A 179 6.71 -3.75 6.86
N ASP A 180 6.19 -2.51 6.91
CA ASP A 180 6.51 -1.51 5.90
C ASP A 180 7.05 -0.24 6.54
N LEU A 181 7.58 0.63 5.68
CA LEU A 181 8.05 1.92 6.10
C LEU A 181 7.55 2.94 5.10
N ALA A 182 6.78 3.89 5.66
CA ALA A 182 6.06 4.79 4.78
C ALA A 182 6.21 6.23 5.25
N GLY A 183 5.77 7.11 4.33
CA GLY A 183 5.63 8.54 4.58
C GLY A 183 6.83 9.48 4.58
N ASP A 184 7.29 9.84 3.37
CA ASP A 184 8.28 10.94 3.20
C ASP A 184 9.75 10.53 3.33
N GLU A 185 10.18 9.90 2.23
CA GLU A 185 11.51 9.31 2.25
C GLU A 185 12.64 10.32 2.08
N THR A 186 12.22 11.58 1.96
CA THR A 186 13.03 12.79 1.81
C THR A 186 13.57 13.32 3.11
N ILE A 187 12.96 12.91 4.24
CA ILE A 187 13.62 13.38 5.45
C ILE A 187 14.97 12.71 5.66
N GLU A 188 15.96 13.60 5.78
CA GLU A 188 17.38 13.22 5.76
C GLU A 188 17.69 12.19 6.82
N GLY A 189 18.30 11.09 6.35
CA GLY A 189 18.78 10.07 7.29
C GLY A 189 17.74 9.13 7.83
N SER A 190 16.51 9.20 7.26
CA SER A 190 15.36 8.56 7.90
C SER A 190 15.29 7.04 7.87
N SER A 191 16.00 6.49 6.88
CA SER A 191 16.10 5.03 6.81
C SER A 191 16.93 4.45 7.94
N LEU A 192 17.75 5.35 8.50
CA LEU A 192 18.83 5.03 9.43
C LEU A 192 18.57 5.56 10.82
N PHE A 193 17.37 6.15 10.99
CA PHE A 193 16.92 6.41 12.36
C PHE A 193 16.86 5.13 13.16
N PRO A 194 17.56 5.10 14.34
CA PRO A 194 17.62 3.91 15.19
C PRO A 194 16.33 3.16 15.51
N GLY A 195 15.24 3.93 15.68
CA GLY A 195 13.93 3.30 15.89
C GLY A 195 13.46 2.38 14.77
N HIS A 196 13.74 2.85 13.54
CA HIS A 196 13.45 2.05 12.35
C HIS A 196 14.39 0.90 12.12
N VAL A 197 15.71 1.17 12.28
CA VAL A 197 16.59 0.04 12.04
C VAL A 197 16.48 -1.10 13.02
N GLN A 198 16.23 -0.73 14.29
CA GLN A 198 16.03 -1.81 15.24
C GLN A 198 14.71 -2.52 15.18
N ALA A 199 13.68 -1.79 14.65
CA ALA A 199 12.43 -2.45 14.25
C ALA A 199 12.60 -3.46 13.14
N TYR A 200 13.33 -3.05 12.10
CA TYR A 200 13.59 -4.00 11.01
C TYR A 200 14.48 -5.18 11.37
N ALA A 201 15.37 -4.92 12.35
CA ALA A 201 16.22 -5.99 12.84
C ALA A 201 15.48 -7.01 13.71
N GLU A 202 14.44 -6.49 14.40
CA GLU A 202 13.50 -7.36 15.10
C GLU A 202 12.65 -8.21 14.18
N ALA A 203 12.32 -7.60 13.05
CA ALA A 203 11.63 -8.32 11.99
C ALA A 203 12.46 -9.43 11.35
N VAL A 204 13.79 -9.23 11.29
CA VAL A 204 14.59 -10.33 10.76
C VAL A 204 14.65 -11.50 11.72
N LYS A 205 15.02 -11.16 12.98
CA LYS A 205 15.02 -12.06 14.14
C LYS A 205 13.78 -12.90 14.35
N SER A 206 12.61 -12.29 14.07
CA SER A 206 11.42 -13.10 14.30
C SER A 206 10.59 -13.49 13.07
N GLY A 207 11.23 -13.42 11.92
CA GLY A 207 10.53 -13.85 10.72
C GLY A 207 9.35 -13.03 10.22
N VAL A 208 9.33 -11.70 10.56
CA VAL A 208 8.30 -10.94 9.84
C VAL A 208 8.83 -10.39 8.55
N HIS A 209 7.98 -10.51 7.51
CA HIS A 209 8.39 -10.10 6.17
C HIS A 209 8.52 -8.58 6.00
N ARG A 210 9.32 -8.21 5.01
CA ARG A 210 9.70 -6.80 5.00
C ARG A 210 9.56 -6.15 3.63
N THR A 211 8.87 -5.01 3.65
CA THR A 211 8.86 -4.11 2.50
C THR A 211 9.17 -2.66 2.94
N VAL A 212 9.73 -1.88 2.00
CA VAL A 212 10.11 -0.48 2.24
C VAL A 212 9.76 0.38 1.04
N HIS A 213 9.13 1.52 1.34
CA HIS A 213 8.80 2.46 0.27
C HIS A 213 9.86 3.15 -0.58
N ALA A 214 11.10 3.31 -0.10
CA ALA A 214 12.21 3.75 -0.99
C ALA A 214 12.07 3.88 -2.51
N GLY A 215 12.58 5.02 -3.04
CA GLY A 215 12.71 5.22 -4.49
C GLY A 215 11.58 5.89 -5.30
N GLU A 216 10.46 6.28 -4.63
CA GLU A 216 9.47 6.96 -5.47
C GLU A 216 9.85 8.38 -5.74
N VAL A 217 10.15 9.04 -4.62
CA VAL A 217 10.40 10.46 -4.74
C VAL A 217 11.81 10.83 -4.29
N GLY A 218 12.51 9.78 -3.79
CA GLY A 218 13.89 9.91 -3.29
C GLY A 218 14.92 9.22 -4.17
N SER A 219 16.20 9.43 -3.78
CA SER A 219 17.31 8.92 -4.61
C SER A 219 17.59 7.46 -4.39
N ALA A 220 18.54 6.98 -5.21
CA ALA A 220 18.93 5.57 -5.18
C ALA A 220 19.58 5.11 -3.91
N ASN A 221 20.04 6.14 -3.17
CA ASN A 221 20.67 5.98 -1.87
C ASN A 221 19.72 5.51 -0.80
N VAL A 222 18.49 6.04 -0.88
CA VAL A 222 17.51 5.53 0.08
C VAL A 222 17.00 4.11 -0.20
N VAL A 223 17.01 3.75 -1.48
CA VAL A 223 16.86 2.34 -1.89
C VAL A 223 17.91 1.41 -1.33
N LYS A 224 19.16 1.89 -1.48
CA LYS A 224 20.32 1.14 -0.99
C LYS A 224 20.33 0.86 0.50
N GLU A 225 19.83 1.88 1.24
CA GLU A 225 19.71 1.70 2.69
C GLU A 225 18.61 0.74 3.09
N ALA A 226 17.53 0.76 2.28
CA ALA A 226 16.43 -0.19 2.49
C ALA A 226 16.85 -1.64 2.29
N VAL A 227 17.75 -1.79 1.28
CA VAL A 227 18.23 -3.12 0.94
C VAL A 227 19.31 -3.60 1.88
N ASP A 228 20.37 -2.77 2.01
CA ASP A 228 21.52 -3.15 2.84
C ASP A 228 21.38 -3.01 4.34
N THR A 229 20.58 -2.05 4.78
CA THR A 229 20.46 -1.91 6.24
C THR A 229 19.11 -2.33 6.81
N LEU A 230 18.06 -2.14 6.00
CA LEU A 230 16.76 -2.54 6.51
C LEU A 230 16.36 -3.97 6.13
N LYS A 231 17.16 -4.53 5.19
CA LYS A 231 16.95 -5.88 4.69
C LYS A 231 15.60 -6.16 4.07
N THR A 232 15.18 -5.24 3.18
CA THR A 232 13.94 -5.54 2.47
C THR A 232 13.99 -6.70 1.57
N GLU A 233 12.82 -7.34 1.54
CA GLU A 233 12.46 -8.31 0.53
C GLU A 233 11.80 -7.66 -0.67
N ARG A 234 11.10 -6.54 -0.38
CA ARG A 234 10.61 -5.84 -1.56
C ARG A 234 10.74 -4.34 -1.49
N LEU A 235 10.66 -3.76 -2.70
CA LEU A 235 10.55 -2.32 -2.79
C LEU A 235 9.17 -1.86 -3.19
N GLY A 236 8.60 -1.01 -2.34
CA GLY A 236 7.52 -0.19 -2.87
C GLY A 236 8.06 0.91 -3.76
N HIS A 237 7.63 0.86 -5.04
CA HIS A 237 8.09 1.78 -6.09
C HIS A 237 9.48 1.48 -6.68
N GLY A 238 10.51 2.03 -5.98
CA GLY A 238 11.91 1.77 -6.38
C GLY A 238 12.34 2.33 -7.72
N TYR A 239 11.68 3.43 -8.13
CA TYR A 239 11.90 3.91 -9.51
C TYR A 239 13.31 4.41 -9.75
N HIS A 240 13.80 5.15 -8.73
CA HIS A 240 15.14 5.72 -8.73
C HIS A 240 16.34 4.78 -8.59
N THR A 241 16.09 3.45 -8.57
CA THR A 241 17.29 2.61 -8.57
C THR A 241 18.05 2.58 -9.89
N LEU A 242 17.33 3.11 -10.93
CA LEU A 242 17.82 3.31 -12.30
C LEU A 242 18.96 4.29 -12.43
N GLU A 243 18.86 5.27 -11.51
CA GLU A 243 19.83 6.33 -11.27
C GLU A 243 21.23 5.81 -10.99
N ASP A 244 21.26 4.59 -10.40
CA ASP A 244 22.47 3.91 -9.98
C ASP A 244 22.59 2.52 -10.61
N THR A 245 23.41 2.43 -11.66
CA THR A 245 23.30 1.23 -12.51
C THR A 245 23.80 -0.10 -11.96
N THR A 246 24.83 0.00 -11.09
CA THR A 246 25.28 -1.20 -10.39
C THR A 246 24.26 -1.73 -9.39
N LEU A 247 23.63 -0.77 -8.68
CA LEU A 247 22.56 -1.16 -7.78
C LEU A 247 21.43 -1.85 -8.51
N TYR A 248 20.99 -1.17 -9.59
CA TYR A 248 19.99 -1.76 -10.47
C TYR A 248 20.28 -3.21 -10.88
N ASN A 249 21.51 -3.41 -11.40
CA ASN A 249 21.93 -4.72 -11.87
C ASN A 249 21.99 -5.81 -10.82
N ARG A 250 22.37 -5.31 -9.63
CA ARG A 250 22.40 -6.17 -8.45
C ARG A 250 21.02 -6.65 -8.03
N LEU A 251 20.08 -5.67 -8.06
CA LEU A 251 18.70 -6.02 -7.76
C LEU A 251 18.05 -6.89 -8.82
N ARG A 252 18.55 -6.74 -10.06
CA ARG A 252 18.15 -7.68 -11.10
C ARG A 252 18.62 -9.11 -10.82
N GLN A 253 19.88 -9.25 -10.38
CA GLN A 253 20.34 -10.60 -10.03
C GLN A 253 19.73 -11.25 -8.83
N GLU A 254 19.44 -10.39 -7.84
CA GLU A 254 18.83 -10.99 -6.65
C GLU A 254 17.34 -11.27 -6.76
N ASN A 255 16.81 -10.93 -7.95
CA ASN A 255 15.38 -11.02 -8.25
C ASN A 255 14.47 -10.21 -7.33
N MET A 256 14.94 -9.00 -7.01
CA MET A 256 14.15 -8.09 -6.15
C MET A 256 12.82 -7.73 -6.82
N HIS A 257 11.81 -7.57 -5.98
CA HIS A 257 10.47 -7.28 -6.50
C HIS A 257 10.09 -5.82 -6.31
N PHE A 258 9.85 -5.19 -7.45
CA PHE A 258 9.33 -3.82 -7.39
C PHE A 258 7.80 -3.79 -7.38
N GLU A 259 7.27 -3.17 -6.32
CA GLU A 259 5.86 -2.83 -6.30
C GLU A 259 5.57 -1.54 -7.08
N ILE A 260 5.21 -1.71 -8.37
CA ILE A 260 5.02 -0.53 -9.22
C ILE A 260 3.61 0.03 -9.10
N CYS A 261 3.55 1.38 -8.97
CA CYS A 261 2.25 2.04 -8.99
C CYS A 261 2.21 3.16 -10.03
N PRO A 262 1.81 2.77 -11.27
CA PRO A 262 1.84 3.67 -12.43
C PRO A 262 1.09 4.96 -12.31
N TRP A 263 -0.23 4.83 -12.18
CA TRP A 263 -1.09 6.01 -11.99
C TRP A 263 -0.70 6.97 -10.87
N SER A 264 -0.35 6.36 -9.72
CA SER A 264 0.19 7.13 -8.61
C SER A 264 1.37 8.02 -8.97
N SER A 265 2.31 7.45 -9.73
CA SER A 265 3.59 8.13 -9.95
C SER A 265 3.53 9.38 -10.80
N TYR A 266 2.48 9.38 -11.67
CA TYR A 266 2.14 10.62 -12.37
C TYR A 266 1.56 11.65 -11.41
N LEU A 267 0.59 11.17 -10.63
CA LEU A 267 -0.15 12.04 -9.73
C LEU A 267 0.63 12.65 -8.56
N THR A 268 1.73 11.95 -8.19
CA THR A 268 2.64 12.38 -7.12
C THR A 268 3.78 13.28 -7.56
N GLY A 269 4.03 13.24 -8.88
CA GLY A 269 5.22 13.93 -9.36
C GLY A 269 6.46 13.08 -9.54
N ALA A 270 6.41 11.84 -9.01
CA ALA A 270 7.55 10.92 -9.08
C ALA A 270 8.05 10.61 -10.49
N TRP A 271 7.05 10.60 -11.39
CA TRP A 271 7.34 10.45 -12.80
C TRP A 271 6.79 11.64 -13.58
N LYS A 272 7.70 12.21 -14.38
CA LYS A 272 7.25 13.28 -15.28
C LYS A 272 6.87 12.69 -16.61
N PRO A 273 5.71 13.15 -17.13
CA PRO A 273 5.13 12.53 -18.32
C PRO A 273 5.98 12.54 -19.57
N ASP A 274 6.91 13.52 -19.61
CA ASP A 274 7.75 13.63 -20.82
C ASP A 274 9.01 12.77 -20.81
N THR A 275 8.89 11.63 -20.13
CA THR A 275 10.07 10.80 -19.86
C THR A 275 9.72 9.32 -20.00
N GLU A 276 10.80 8.51 -20.16
CA GLU A 276 10.80 7.08 -19.84
C GLU A 276 9.96 6.77 -18.61
N HIS A 277 8.89 5.96 -18.77
CA HIS A 277 8.37 5.44 -17.51
C HIS A 277 9.23 4.28 -17.06
N ALA A 278 9.58 4.33 -15.75
CA ALA A 278 10.41 3.26 -15.21
C ALA A 278 9.93 1.82 -15.43
N VAL A 279 8.59 1.65 -15.53
CA VAL A 279 8.04 0.30 -15.70
C VAL A 279 8.22 -0.31 -17.09
N ILE A 280 8.33 0.60 -18.08
CA ILE A 280 8.60 0.02 -19.38
C ILE A 280 10.00 -0.57 -19.50
N ARG A 281 10.95 0.15 -18.87
CA ARG A 281 12.30 -0.35 -18.63
C ARG A 281 12.30 -1.68 -17.89
N PHE A 282 11.44 -1.73 -16.86
CA PHE A 282 11.28 -2.98 -16.12
C PHE A 282 10.69 -4.12 -16.95
N LYS A 283 9.76 -3.74 -17.86
CA LYS A 283 9.23 -4.70 -18.83
C LYS A 283 10.30 -5.26 -19.78
N ASN A 284 11.03 -4.29 -20.38
CA ASN A 284 12.12 -4.67 -21.28
C ASN A 284 13.21 -5.49 -20.61
N ASP A 285 13.46 -5.14 -19.33
CA ASP A 285 14.50 -5.87 -18.63
C ASP A 285 14.09 -7.17 -18.00
N GLN A 286 12.78 -7.47 -18.09
CA GLN A 286 12.20 -8.63 -17.43
C GLN A 286 12.34 -8.65 -15.92
N VAL A 287 12.17 -7.45 -15.38
CA VAL A 287 12.23 -7.30 -13.94
C VAL A 287 11.04 -7.96 -13.21
N ASN A 288 11.35 -8.41 -11.98
CA ASN A 288 10.30 -8.87 -11.07
C ASN A 288 9.53 -7.69 -10.49
N TYR A 289 8.42 -7.35 -11.15
CA TYR A 289 7.59 -6.25 -10.64
C TYR A 289 6.08 -6.53 -10.63
N SER A 290 5.35 -5.63 -9.93
CA SER A 290 3.89 -5.78 -9.86
C SER A 290 3.15 -4.50 -10.20
N LEU A 291 1.83 -4.67 -10.41
CA LEU A 291 1.01 -3.51 -10.77
C LEU A 291 0.00 -3.25 -9.67
N ASN A 292 -0.06 -2.00 -9.24
CA ASN A 292 -0.78 -1.71 -8.00
C ASN A 292 -1.35 -0.31 -8.05
N THR A 293 -2.35 -0.12 -7.19
CA THR A 293 -3.28 1.01 -7.30
C THR A 293 -2.93 2.17 -6.36
N ASP A 294 -2.25 1.77 -5.26
CA ASP A 294 -1.77 2.67 -4.21
C ASP A 294 -2.86 3.29 -3.36
N ASP A 295 -3.48 4.34 -3.92
CA ASP A 295 -4.56 5.04 -3.22
C ASP A 295 -5.74 5.31 -4.17
N PRO A 296 -6.65 4.29 -4.31
CA PRO A 296 -7.79 4.47 -5.21
C PRO A 296 -8.76 5.60 -4.85
N LEU A 297 -8.86 5.92 -3.53
CA LEU A 297 -9.57 7.12 -3.08
C LEU A 297 -9.01 8.39 -3.67
N ILE A 298 -7.73 8.60 -3.32
CA ILE A 298 -7.13 9.88 -3.69
C ILE A 298 -6.78 10.00 -5.17
N PHE A 299 -6.53 8.84 -5.81
CA PHE A 299 -6.24 8.96 -7.25
C PHE A 299 -7.41 8.66 -8.19
N LYS A 300 -8.64 8.65 -7.61
CA LYS A 300 -9.88 8.41 -8.38
C LYS A 300 -9.82 7.24 -9.34
N SER A 301 -9.47 6.09 -8.77
CA SER A 301 -8.95 5.06 -9.66
C SER A 301 -9.33 3.69 -9.20
N THR A 302 -9.24 2.74 -10.14
CA THR A 302 -9.35 1.33 -9.72
C THR A 302 -8.14 0.62 -10.27
N LEU A 303 -8.00 -0.71 -10.00
CA LEU A 303 -6.85 -1.39 -10.60
C LEU A 303 -6.79 -1.31 -12.10
N ASP A 304 -8.01 -1.18 -12.69
CA ASP A 304 -8.09 -1.09 -14.13
C ASP A 304 -7.58 0.21 -14.70
N THR A 305 -7.50 1.23 -13.83
CA THR A 305 -6.81 2.46 -14.26
C THR A 305 -5.36 2.20 -14.60
N ASP A 306 -4.72 1.44 -13.70
CA ASP A 306 -3.31 1.10 -13.89
C ASP A 306 -3.01 0.20 -15.06
N TYR A 307 -3.89 -0.80 -15.22
CA TYR A 307 -3.72 -1.69 -16.37
C TYR A 307 -3.95 -1.02 -17.70
N GLN A 308 -5.01 -0.15 -17.67
CA GLN A 308 -5.39 0.62 -18.85
C GLN A 308 -4.29 1.54 -19.34
N MET A 309 -3.79 2.40 -18.42
CA MET A 309 -2.66 3.28 -18.70
C MET A 309 -1.43 2.58 -19.28
N THR A 310 -1.05 1.46 -18.64
CA THR A 310 0.06 0.71 -19.24
C THR A 310 -0.24 0.06 -20.59
N LYS A 311 -1.51 -0.36 -20.79
CA LYS A 311 -1.86 -0.85 -22.13
C LYS A 311 -2.05 0.22 -23.21
N LYS A 312 -2.63 1.35 -22.80
CA LYS A 312 -2.75 2.38 -23.83
C LYS A 312 -1.43 3.01 -24.16
N ASP A 313 -0.92 3.67 -23.11
CA ASP A 313 0.24 4.51 -23.36
C ASP A 313 1.60 3.85 -23.34
N MET A 314 1.64 2.58 -22.90
CA MET A 314 2.98 1.98 -22.80
C MET A 314 3.13 0.68 -23.54
N GLY A 315 2.08 0.39 -24.31
CA GLY A 315 2.12 -0.78 -25.17
C GLY A 315 2.25 -2.11 -24.44
N PHE A 316 1.75 -2.14 -23.19
CA PHE A 316 1.80 -3.44 -22.52
C PHE A 316 0.80 -4.42 -23.12
N THR A 317 1.31 -5.65 -23.22
CA THR A 317 0.51 -6.73 -23.78
C THR A 317 -0.01 -7.71 -22.72
N GLU A 318 -0.94 -8.57 -23.19
CA GLU A 318 -1.49 -9.59 -22.29
C GLU A 318 -0.54 -10.60 -21.67
N GLU A 319 0.54 -10.87 -22.41
CA GLU A 319 1.57 -11.81 -21.95
C GLU A 319 2.35 -11.30 -20.75
N GLU A 320 2.66 -10.00 -20.84
CA GLU A 320 3.36 -9.30 -19.75
C GLU A 320 2.52 -9.14 -18.50
N PHE A 321 1.21 -8.86 -18.74
CA PHE A 321 0.21 -8.90 -17.67
C PHE A 321 0.15 -10.20 -16.92
N LYS A 322 0.30 -11.28 -17.71
CA LYS A 322 0.36 -12.56 -17.03
C LYS A 322 1.63 -12.80 -16.25
N ARG A 323 2.77 -12.40 -16.83
CA ARG A 323 3.92 -12.79 -16.01
C ARG A 323 4.12 -11.96 -14.75
N LEU A 324 3.54 -10.75 -14.83
CA LEU A 324 3.60 -9.75 -13.77
C LEU A 324 2.81 -10.16 -12.54
N ASN A 325 1.61 -10.67 -12.81
CA ASN A 325 0.75 -11.22 -11.73
C ASN A 325 1.24 -12.53 -11.16
N ILE A 326 1.90 -13.29 -12.04
CA ILE A 326 2.65 -14.44 -11.52
C ILE A 326 3.86 -14.07 -10.66
N ASN A 327 4.65 -13.10 -11.15
CA ASN A 327 5.73 -12.50 -10.34
C ASN A 327 5.27 -11.99 -8.98
N ALA A 328 4.04 -11.41 -8.99
CA ALA A 328 3.43 -10.92 -7.76
C ALA A 328 2.95 -11.99 -6.79
N ALA A 329 2.55 -13.13 -7.39
CA ALA A 329 2.17 -14.26 -6.56
C ALA A 329 3.34 -14.98 -5.91
N LYS A 330 4.43 -15.13 -6.69
CA LYS A 330 5.74 -15.60 -6.20
C LYS A 330 6.37 -14.71 -5.12
N SER A 331 6.21 -13.38 -5.34
CA SER A 331 6.78 -12.42 -4.40
C SER A 331 5.89 -12.05 -3.22
N SER A 332 4.73 -12.71 -3.14
CA SER A 332 3.82 -12.46 -2.00
C SER A 332 4.39 -12.91 -0.67
N PHE A 333 3.77 -12.40 0.40
CA PHE A 333 4.26 -12.82 1.71
C PHE A 333 3.46 -13.96 2.35
N LEU A 334 2.93 -14.82 1.46
CA LEU A 334 2.22 -16.04 1.88
C LEU A 334 3.24 -17.09 2.25
N PRO A 335 2.86 -17.97 3.22
CA PRO A 335 3.63 -19.20 3.45
C PRO A 335 3.73 -20.02 2.15
N GLU A 336 4.72 -20.94 2.07
CA GLU A 336 4.87 -21.53 0.74
C GLU A 336 3.80 -22.49 0.25
N ASP A 337 3.11 -23.13 1.22
CA ASP A 337 2.00 -23.94 0.73
C ASP A 337 0.85 -23.17 0.12
N GLU A 338 0.49 -22.09 0.81
CA GLU A 338 -0.55 -21.20 0.29
C GLU A 338 -0.15 -20.43 -0.95
N LYS A 339 1.18 -20.19 -1.03
CA LYS A 339 1.69 -19.60 -2.27
C LYS A 339 1.66 -20.51 -3.49
N LYS A 340 1.86 -21.83 -3.25
CA LYS A 340 1.72 -22.77 -4.37
C LYS A 340 0.30 -22.92 -4.87
N GLU A 341 -0.63 -22.92 -3.90
CA GLU A 341 -2.06 -22.87 -4.22
C GLU A 341 -2.54 -21.70 -5.09
N LEU A 342 -2.11 -20.49 -4.68
CA LEU A 342 -2.31 -19.31 -5.51
C LEU A 342 -1.72 -19.41 -6.92
N LEU A 343 -0.43 -19.84 -6.97
CA LEU A 343 0.19 -20.11 -8.27
C LEU A 343 -0.62 -20.99 -9.21
N ASP A 344 -1.06 -22.12 -8.65
CA ASP A 344 -1.90 -23.08 -9.37
C ASP A 344 -3.21 -22.50 -9.90
N LEU A 345 -3.89 -21.74 -9.02
CA LEU A 345 -5.11 -21.07 -9.45
C LEU A 345 -4.90 -20.23 -10.71
N LEU A 346 -3.80 -19.47 -10.64
CA LEU A 346 -3.38 -18.53 -11.69
C LEU A 346 -2.85 -19.16 -12.95
N TYR A 347 -2.16 -20.31 -12.80
CA TYR A 347 -1.78 -21.02 -14.01
C TYR A 347 -2.93 -21.54 -14.87
N LYS A 348 -3.97 -21.97 -14.14
CA LYS A 348 -5.18 -22.50 -14.76
C LYS A 348 -6.05 -21.43 -15.39
N ALA A 349 -6.37 -20.42 -14.54
CA ALA A 349 -7.00 -19.19 -15.02
C ALA A 349 -6.36 -18.58 -16.25
N TYR A 350 -5.01 -18.63 -16.26
CA TYR A 350 -4.31 -17.99 -17.38
C TYR A 350 -4.17 -18.83 -18.63
N ARG A 351 -4.54 -20.11 -18.50
CA ARG A 351 -4.53 -20.90 -19.73
C ARG A 351 -5.88 -21.42 -20.17
ZN ZN B . 2.31 3.40 -1.05
C1 FR4 C . 0.71 7.05 2.71
N2 FR4 C . -0.51 6.71 3.46
C3 FR4 C . -1.53 6.46 2.62
N4 FR4 C . -1.09 6.63 1.35
C5 FR4 C . 0.30 7.03 1.43
C8 FR4 C . 1.15 7.33 0.25
O9 FR4 C . 2.23 7.86 0.46
N10 FR4 C . 0.70 7.05 -0.96
C13 FR4 C . -0.61 6.61 4.91
C14 FR4 C . -0.21 5.22 5.41
O15 FR4 C . -0.98 4.19 4.83
C18 FR4 C . 0.16 7.73 5.64
C19 FR4 C . -0.12 9.15 5.13
N22 FR4 C . 0.95 10.05 5.55
C27 FR4 C . 1.13 10.63 6.78
C28 FR4 C . 2.30 11.39 6.79
C29 FR4 C . 2.86 11.27 5.47
C30 FR4 C . 1.99 10.42 4.72
C31 FR4 C . 3.99 11.78 4.89
C32 FR4 C . 4.27 11.47 3.56
C33 FR4 C . 3.42 10.62 2.82
C34 FR4 C . 2.28 10.11 3.43
N1 FR4 C . 3.68 10.27 1.53
C2 FR4 C . 4.68 10.74 0.75
O1 FR4 C . 5.49 11.61 1.05
C4 FR4 C . 4.67 10.05 -0.61
C6 FR4 C . 5.44 10.86 -1.66
C7 FR4 C . 3.30 11.96 -2.45
C11 FR4 C . 4.66 12.05 -2.17
C9 FR4 C . 5.33 13.25 -2.40
C12 FR4 C . 4.64 14.34 -2.93
C10 FR4 C . 3.29 14.22 -3.24
C15 FR4 C . 2.61 13.04 -3.00
#